data_6AVY
#
_entry.id   6AVY
#
_cell.length_a   48.880
_cell.length_b   89.570
_cell.length_c   105.210
_cell.angle_alpha   90.000
_cell.angle_beta   90.000
_cell.angle_gamma   90.000
#
_symmetry.space_group_name_H-M   'P 21 21 21'
#
loop_
_entity.id
_entity.type
_entity.pdbx_description
1 polymer 'Acyl-protein thioesterase 2'
2 water water
#
_entity_poly.entity_id   1
_entity_poly.type   'polypeptide(L)'
_entity_poly.pdbx_seq_one_letter_code
;GPMSYGGSSSLAPGAKRPFEYGRTHVVRPKGTHKATIVWLHGLGDNGTSWSQLLETLPLPNIKWICPTAPSRPVSLFGGF
PCTAWFDVADLSEDAPDDTEGMDASAAHVANLLSTEPADIKLGVGGFSMGAATALYSATCFAHGKYGNGNPYPVNLSLAV
GLSGWLPCARTLKNRIEASPEAAQRASTIPLLLCHGKADDVVLYKHGQRSTDALKANGFSNVLFKSYNSLGHYTVPEEMD
EVCKWLTANLGLGTSSS
;
_entity_poly.pdbx_strand_id   A,B
#
# COMPACT_ATOMS: atom_id res chain seq x y z
N TYR A 21 0.92 3.71 10.75
CA TYR A 21 1.89 2.66 10.41
C TYR A 21 3.35 3.07 10.52
N GLY A 22 4.17 2.06 10.83
CA GLY A 22 5.60 2.24 10.99
C GLY A 22 6.35 2.44 9.69
N ARG A 23 7.66 2.30 9.75
CA ARG A 23 8.52 2.50 8.59
C ARG A 23 8.82 1.15 7.95
N THR A 24 8.73 1.09 6.63
CA THR A 24 8.89 -0.15 5.89
C THR A 24 10.31 -0.27 5.37
N HIS A 25 10.87 -1.48 5.46
CA HIS A 25 12.15 -1.80 4.84
C HIS A 25 11.92 -2.81 3.72
N VAL A 26 12.45 -2.51 2.55
CA VAL A 26 12.29 -3.35 1.36
C VAL A 26 13.64 -3.95 1.03
N VAL A 27 13.66 -5.28 0.85
CA VAL A 27 14.87 -5.99 0.47
C VAL A 27 14.79 -6.22 -1.04
N ARG A 28 15.70 -5.60 -1.78
CA ARG A 28 15.70 -5.72 -3.23
C ARG A 28 16.09 -7.14 -3.63
N PRO A 29 15.39 -7.74 -4.60
CA PRO A 29 15.82 -9.06 -5.10
C PRO A 29 17.19 -8.97 -5.73
N LYS A 30 18.04 -9.94 -5.40
CA LYS A 30 19.41 -9.92 -5.91
C LYS A 30 19.49 -10.45 -7.34
N GLY A 31 18.59 -11.36 -7.74
CA GLY A 31 18.57 -11.81 -9.11
C GLY A 31 17.30 -11.39 -9.84
N THR A 32 16.79 -12.25 -10.71
CA THR A 32 15.61 -11.91 -11.50
C THR A 32 14.38 -11.86 -10.59
N HIS A 33 13.75 -10.70 -10.48
CA HIS A 33 12.60 -10.56 -9.60
C HIS A 33 11.45 -11.43 -10.10
N LYS A 34 11.07 -12.43 -9.30
CA LYS A 34 9.98 -13.32 -9.64
C LYS A 34 8.86 -13.37 -8.61
N ALA A 35 9.11 -12.94 -7.38
CA ALA A 35 8.10 -13.00 -6.34
C ALA A 35 8.30 -11.85 -5.36
N THR A 36 7.21 -11.41 -4.76
CA THR A 36 7.24 -10.40 -3.70
C THR A 36 6.51 -10.97 -2.48
N ILE A 37 7.16 -10.91 -1.33
CA ILE A 37 6.60 -11.42 -0.09
C ILE A 37 6.61 -10.32 0.95
N VAL A 38 5.45 -10.03 1.52
CA VAL A 38 5.33 -9.14 2.67
C VAL A 38 5.52 -9.97 3.93
N TRP A 39 6.51 -9.60 4.74
CA TRP A 39 6.83 -10.33 5.97
C TRP A 39 6.46 -9.49 7.17
N LEU A 40 5.70 -10.08 8.09
CA LEU A 40 5.12 -9.38 9.23
C LEU A 40 5.84 -9.76 10.53
N HIS A 41 6.34 -8.76 11.24
CA HIS A 41 7.05 -9.00 12.49
C HIS A 41 6.07 -9.35 13.61
N GLY A 42 6.63 -9.78 14.74
CA GLY A 42 5.84 -10.08 15.92
C GLY A 42 5.53 -8.85 16.77
N LEU A 43 4.79 -9.10 17.84
CA LEU A 43 4.36 -8.04 18.74
C LEU A 43 5.57 -7.32 19.33
N GLY A 44 5.56 -5.99 19.26
CA GLY A 44 6.62 -5.18 19.81
C GLY A 44 7.87 -5.08 18.96
N ASP A 45 7.91 -5.72 17.81
CA ASP A 45 9.07 -5.74 16.93
C ASP A 45 8.87 -4.74 15.79
N ASN A 46 9.75 -4.78 14.80
CA ASN A 46 9.65 -3.90 13.64
C ASN A 46 10.14 -4.65 12.41
N GLY A 47 9.91 -4.05 11.24
CA GLY A 47 10.22 -4.72 9.99
C GLY A 47 11.69 -4.76 9.65
N THR A 48 12.48 -3.79 10.12
CA THR A 48 13.89 -3.73 9.75
C THR A 48 14.66 -4.92 10.32
N SER A 49 14.41 -5.27 11.58
CA SER A 49 15.09 -6.43 12.17
C SER A 49 14.80 -7.70 11.38
N TRP A 50 13.59 -7.84 10.84
CA TRP A 50 13.28 -9.01 10.03
C TRP A 50 13.87 -8.90 8.64
N SER A 51 14.00 -7.68 8.11
CA SER A 51 14.62 -7.50 6.80
C SER A 51 16.06 -7.96 6.81
N GLN A 52 16.76 -7.82 7.94
CA GLN A 52 18.17 -8.20 7.98
C GLN A 52 18.36 -9.71 8.10
N LEU A 53 17.36 -10.43 8.58
CA LEU A 53 17.40 -11.89 8.52
C LEU A 53 17.06 -12.38 7.11
N LEU A 54 16.00 -11.83 6.52
CA LEU A 54 15.54 -12.30 5.22
C LEU A 54 16.58 -12.08 4.13
N GLU A 55 17.35 -10.99 4.22
CA GLU A 55 18.33 -10.71 3.18
C GLU A 55 19.55 -11.62 3.24
N THR A 56 19.72 -12.39 4.31
CA THR A 56 20.77 -13.40 4.38
C THR A 56 20.32 -14.75 3.85
N LEU A 57 19.04 -14.92 3.57
CA LEU A 57 18.54 -16.20 3.10
C LEU A 57 18.95 -16.43 1.65
N PRO A 58 19.29 -17.67 1.28
CA PRO A 58 19.66 -17.92 -0.12
C PRO A 58 18.44 -17.91 -1.03
N LEU A 59 17.72 -16.79 -1.05
CA LEU A 59 16.49 -16.66 -1.83
C LEU A 59 16.60 -15.43 -2.71
N PRO A 60 17.33 -15.52 -3.81
CA PRO A 60 17.22 -14.48 -4.84
C PRO A 60 15.86 -14.62 -5.51
N ASN A 61 15.52 -13.64 -6.33
CA ASN A 61 14.27 -13.56 -7.07
C ASN A 61 13.10 -13.14 -6.19
N ILE A 62 13.29 -13.03 -4.87
CA ILE A 62 12.22 -12.67 -3.96
C ILE A 62 12.49 -11.26 -3.44
N LYS A 63 11.52 -10.38 -3.61
CA LYS A 63 11.55 -9.06 -2.99
C LYS A 63 10.81 -9.13 -1.66
N TRP A 64 11.47 -8.70 -0.59
CA TRP A 64 10.88 -8.72 0.74
C TRP A 64 10.40 -7.31 1.10
N ILE A 65 9.11 -7.20 1.41
CA ILE A 65 8.53 -5.96 1.92
C ILE A 65 8.26 -6.19 3.40
N CYS A 66 8.98 -5.48 4.27
CA CYS A 66 8.88 -5.67 5.71
C CYS A 66 8.30 -4.41 6.35
N PRO A 67 6.99 -4.31 6.48
CA PRO A 67 6.39 -3.15 7.15
C PRO A 67 6.48 -3.28 8.66
N THR A 68 6.17 -2.17 9.33
CA THR A 68 6.12 -2.11 10.78
C THR A 68 4.70 -1.75 11.20
N ALA A 69 4.17 -2.53 12.15
CA ALA A 69 2.80 -2.34 12.59
C ALA A 69 2.64 -0.99 13.30
N PRO A 70 1.42 -0.48 13.36
CA PRO A 70 1.18 0.73 14.14
C PRO A 70 1.38 0.44 15.62
N SER A 71 1.90 1.43 16.33
CA SER A 71 2.02 1.33 17.78
C SER A 71 0.63 1.61 18.32
N ARG A 72 -0.05 0.55 18.74
CA ARG A 72 -1.47 0.47 19.03
C ARG A 72 -1.66 0.08 20.49
N PRO A 73 -2.67 0.62 21.17
CA PRO A 73 -2.93 0.18 22.55
C PRO A 73 -3.30 -1.30 22.58
N VAL A 74 -2.59 -2.07 23.39
CA VAL A 74 -2.77 -3.51 23.46
C VAL A 74 -3.44 -3.83 24.79
N SER A 75 -4.65 -4.42 24.72
CA SER A 75 -5.40 -4.73 25.93
C SER A 75 -4.67 -5.75 26.79
N LEU A 76 -3.90 -6.65 26.16
CA LEU A 76 -3.11 -7.62 26.92
C LEU A 76 -2.07 -6.93 27.79
N PHE A 77 -1.59 -5.76 27.37
CA PHE A 77 -0.62 -4.98 28.13
C PHE A 77 -1.27 -3.86 28.92
N GLY A 78 -2.54 -3.99 29.26
CA GLY A 78 -3.24 -2.94 29.99
C GLY A 78 -3.32 -1.63 29.25
N GLY A 79 -3.36 -1.67 27.92
CA GLY A 79 -3.49 -0.47 27.12
C GLY A 79 -2.21 0.21 26.74
N PHE A 80 -1.06 -0.38 27.05
CA PHE A 80 0.22 0.22 26.66
C PHE A 80 0.41 0.11 25.15
N PRO A 81 0.82 1.18 24.48
CA PRO A 81 0.94 1.15 23.02
C PRO A 81 2.25 0.52 22.57
N CYS A 82 2.16 -0.40 21.60
CA CYS A 82 3.33 -0.96 20.95
C CYS A 82 2.91 -1.46 19.58
N THR A 83 3.92 -1.81 18.77
CA THR A 83 3.66 -2.27 17.42
C THR A 83 2.87 -3.57 17.45
N ALA A 84 1.69 -3.56 16.85
CA ALA A 84 0.81 -4.73 16.85
C ALA A 84 -0.03 -4.72 15.58
N TRP A 85 -0.15 -5.89 14.95
CA TRP A 85 -0.98 -6.03 13.77
C TRP A 85 -2.47 -6.05 14.10
N PHE A 86 -2.81 -6.43 15.34
CA PHE A 86 -4.19 -6.35 15.81
C PHE A 86 -4.16 -6.37 17.33
N ASP A 87 -5.30 -6.05 17.92
CA ASP A 87 -5.38 -5.99 19.38
C ASP A 87 -5.55 -7.41 19.94
N VAL A 88 -4.91 -7.67 21.07
CA VAL A 88 -5.07 -8.94 21.75
C VAL A 88 -5.44 -8.67 23.19
N ALA A 89 -6.53 -9.29 23.63
CA ALA A 89 -6.92 -9.33 25.02
C ALA A 89 -6.93 -10.80 25.43
N ASP A 90 -6.35 -11.11 26.58
CA ASP A 90 -6.44 -12.45 27.16
C ASP A 90 -5.64 -13.46 26.33
N LEU A 91 -5.17 -14.52 27.00
CA LEU A 91 -4.37 -15.59 26.39
C LEU A 91 -5.14 -16.90 26.23
N SER A 92 -6.40 -16.95 26.68
CA SER A 92 -7.16 -18.19 26.63
C SER A 92 -7.52 -18.55 25.19
N GLU A 93 -8.02 -19.77 25.03
CA GLU A 93 -8.50 -20.19 23.71
C GLU A 93 -9.80 -19.51 23.33
N ASP A 94 -10.52 -18.93 24.29
CA ASP A 94 -11.81 -18.30 24.03
C ASP A 94 -11.71 -16.79 23.84
N ALA A 95 -10.50 -16.26 23.78
CA ALA A 95 -10.32 -14.83 23.76
C ALA A 95 -10.98 -14.21 22.52
N PRO A 96 -11.28 -12.91 22.56
CA PRO A 96 -11.92 -12.27 21.41
C PRO A 96 -10.99 -12.18 20.22
N ASP A 97 -11.59 -12.25 19.02
CA ASP A 97 -10.85 -11.96 17.80
C ASP A 97 -11.07 -10.48 17.47
N ASP A 98 -9.98 -9.76 17.26
CA ASP A 98 -10.04 -8.36 16.83
C ASP A 98 -10.19 -8.33 15.31
N THR A 99 -11.39 -8.73 14.86
CA THR A 99 -11.63 -8.86 13.44
C THR A 99 -11.40 -7.55 12.71
N GLU A 100 -11.84 -6.43 13.30
CA GLU A 100 -11.61 -5.13 12.69
C GLU A 100 -10.12 -4.85 12.51
N GLY A 101 -9.32 -5.13 13.53
CA GLY A 101 -7.89 -4.90 13.42
C GLY A 101 -7.21 -5.86 12.46
N MET A 102 -7.66 -7.12 12.45
CA MET A 102 -7.08 -8.10 11.52
C MET A 102 -7.41 -7.75 10.07
N ASP A 103 -8.64 -7.30 9.82
CA ASP A 103 -9.02 -6.91 8.47
C ASP A 103 -8.22 -5.69 8.01
N ALA A 104 -7.98 -4.74 8.92
CA ALA A 104 -7.20 -3.56 8.56
C ALA A 104 -5.78 -3.93 8.16
N SER A 105 -5.14 -4.81 8.95
CA SER A 105 -3.78 -5.22 8.62
C SER A 105 -3.75 -6.10 7.39
N ALA A 106 -4.77 -6.96 7.22
CA ALA A 106 -4.85 -7.78 6.01
C ALA A 106 -5.04 -6.91 4.77
N ALA A 107 -5.87 -5.87 4.87
CA ALA A 107 -6.04 -4.95 3.75
C ALA A 107 -4.78 -4.14 3.50
N HIS A 108 -4.02 -3.84 4.56
CA HIS A 108 -2.75 -3.15 4.41
C HIS A 108 -1.76 -4.02 3.65
N VAL A 109 -1.63 -5.29 4.04
CA VAL A 109 -0.75 -6.21 3.32
C VAL A 109 -1.18 -6.32 1.87
N ALA A 110 -2.49 -6.38 1.62
CA ALA A 110 -2.99 -6.50 0.26
C ALA A 110 -2.62 -5.26 -0.57
N ASN A 111 -2.71 -4.08 0.02
CA ASN A 111 -2.31 -2.86 -0.68
C ASN A 111 -0.82 -2.87 -1.02
N LEU A 112 0.01 -3.37 -0.11
CA LEU A 112 1.44 -3.47 -0.39
C LEU A 112 1.70 -4.43 -1.55
N LEU A 113 1.00 -5.56 -1.57
CA LEU A 113 1.18 -6.57 -2.60
C LEU A 113 0.61 -6.13 -3.96
N SER A 114 -0.29 -5.15 -3.97
CA SER A 114 -0.91 -4.71 -5.21
C SER A 114 0.00 -3.83 -6.06
N THR A 115 1.24 -3.61 -5.64
CA THR A 115 2.19 -2.78 -6.37
C THR A 115 3.01 -3.55 -7.40
N GLU A 116 2.78 -4.86 -7.56
CA GLU A 116 3.63 -5.57 -8.49
C GLU A 116 2.93 -5.82 -9.82
N PRO A 117 3.69 -5.90 -10.92
CA PRO A 117 3.08 -6.31 -12.19
C PRO A 117 2.50 -7.71 -12.10
N ALA A 118 1.60 -8.02 -13.04
CA ALA A 118 0.74 -9.19 -12.93
C ALA A 118 1.51 -10.51 -12.95
N ASP A 119 2.74 -10.53 -13.47
CA ASP A 119 3.49 -11.76 -13.57
C ASP A 119 4.29 -12.09 -12.31
N ILE A 120 4.33 -11.20 -11.33
CA ILE A 120 5.07 -11.42 -10.09
C ILE A 120 4.20 -12.19 -9.11
N LYS A 121 4.73 -13.30 -8.59
CA LYS A 121 4.00 -14.07 -7.59
C LYS A 121 4.01 -13.34 -6.24
N LEU A 122 2.92 -13.49 -5.51
CA LEU A 122 2.68 -12.70 -4.30
C LEU A 122 2.45 -13.63 -3.12
N GLY A 123 3.15 -13.36 -2.01
CA GLY A 123 3.00 -14.14 -0.81
C GLY A 123 3.06 -13.24 0.41
N VAL A 124 2.71 -13.84 1.56
CA VAL A 124 2.75 -13.14 2.84
C VAL A 124 3.24 -14.13 3.90
N GLY A 125 4.11 -13.65 4.79
CA GLY A 125 4.62 -14.47 5.86
C GLY A 125 4.76 -13.64 7.12
N GLY A 126 5.09 -14.32 8.22
CA GLY A 126 5.25 -13.61 9.46
C GLY A 126 5.66 -14.53 10.59
N PHE A 127 5.90 -13.90 11.74
CA PHE A 127 6.32 -14.58 12.96
C PHE A 127 5.41 -14.16 14.09
N SER A 128 4.94 -15.14 14.86
CA SER A 128 4.08 -14.93 16.04
C SER A 128 2.83 -14.17 15.59
N MET A 129 2.56 -12.96 16.11
CA MET A 129 1.39 -12.22 15.66
C MET A 129 1.43 -11.94 14.17
N GLY A 130 2.63 -11.73 13.61
CA GLY A 130 2.75 -11.56 12.17
C GLY A 130 2.37 -12.83 11.43
N ALA A 131 2.75 -13.98 11.98
CA ALA A 131 2.32 -15.26 11.41
C ALA A 131 0.81 -15.37 11.44
N ALA A 132 0.18 -14.92 12.53
CA ALA A 132 -1.26 -14.95 12.65
C ALA A 132 -1.92 -14.08 11.58
N THR A 133 -1.37 -12.88 11.34
CA THR A 133 -1.91 -12.02 10.29
C THR A 133 -1.68 -12.62 8.91
N ALA A 134 -0.56 -13.31 8.72
CA ALA A 134 -0.29 -13.98 7.45
C ALA A 134 -1.29 -15.09 7.20
N LEU A 135 -1.54 -15.92 8.21
CA LEU A 135 -2.51 -17.00 8.06
C LEU A 135 -3.92 -16.46 7.87
N TYR A 136 -4.27 -15.40 8.59
CA TYR A 136 -5.58 -14.77 8.40
C TYR A 136 -5.74 -14.23 6.99
N SER A 137 -4.67 -13.65 6.44
CA SER A 137 -4.69 -13.20 5.06
C SER A 137 -4.98 -14.35 4.11
N ALA A 138 -4.39 -15.52 4.36
CA ALA A 138 -4.62 -16.67 3.51
C ALA A 138 -6.09 -17.11 3.55
N THR A 139 -6.72 -16.99 4.73
CA THR A 139 -8.13 -17.37 4.82
C THR A 139 -9.04 -16.30 4.20
N CYS A 140 -8.62 -15.04 4.19
CA CYS A 140 -9.36 -14.02 3.45
C CYS A 140 -9.26 -14.28 1.95
N PHE A 141 -8.08 -14.66 1.46
CA PHE A 141 -7.95 -15.01 0.06
C PHE A 141 -8.83 -16.22 -0.30
N ALA A 142 -8.84 -17.24 0.56
CA ALA A 142 -9.70 -18.39 0.32
C ALA A 142 -11.18 -17.98 0.34
N HIS A 143 -11.58 -17.29 1.41
CA HIS A 143 -12.95 -16.80 1.50
C HIS A 143 -13.29 -15.86 0.34
N GLY A 144 -12.32 -15.10 -0.14
CA GLY A 144 -12.56 -14.12 -1.16
C GLY A 144 -12.99 -12.76 -0.66
N LYS A 145 -13.16 -12.62 0.65
CA LYS A 145 -13.54 -11.35 1.27
C LYS A 145 -12.82 -11.19 2.59
N TYR A 146 -12.81 -9.96 3.08
CA TYR A 146 -12.38 -9.70 4.44
C TYR A 146 -13.47 -10.12 5.42
N GLY A 147 -13.19 -10.01 6.71
CA GLY A 147 -14.21 -10.30 7.70
C GLY A 147 -15.38 -9.33 7.67
N ASN A 148 -15.16 -8.11 7.18
CA ASN A 148 -16.22 -7.13 7.06
C ASN A 148 -17.04 -7.29 5.79
N GLY A 149 -16.68 -8.22 4.91
CA GLY A 149 -17.43 -8.49 3.70
C GLY A 149 -16.86 -7.90 2.43
N ASN A 150 -15.96 -6.93 2.54
CA ASN A 150 -15.34 -6.36 1.35
C ASN A 150 -14.54 -7.43 0.61
N PRO A 151 -14.55 -7.42 -0.72
CA PRO A 151 -13.84 -8.46 -1.48
C PRO A 151 -12.32 -8.36 -1.28
N TYR A 152 -11.68 -9.52 -1.24
CA TYR A 152 -10.23 -9.57 -1.10
C TYR A 152 -9.59 -9.37 -2.47
N PRO A 153 -8.71 -8.39 -2.64
CA PRO A 153 -8.31 -7.97 -3.99
C PRO A 153 -7.10 -8.64 -4.61
N VAL A 154 -6.35 -9.47 -3.88
CA VAL A 154 -5.07 -9.93 -4.39
C VAL A 154 -5.04 -11.45 -4.43
N ASN A 155 -4.27 -11.98 -5.37
CA ASN A 155 -4.10 -13.43 -5.56
C ASN A 155 -2.83 -13.87 -4.84
N LEU A 156 -3.00 -14.57 -3.71
CA LEU A 156 -1.88 -15.06 -2.93
C LEU A 156 -1.41 -16.41 -3.45
N SER A 157 -0.10 -16.55 -3.68
CA SER A 157 0.47 -17.81 -4.09
C SER A 157 0.82 -18.73 -2.93
N LEU A 158 1.01 -18.18 -1.74
CA LEU A 158 1.36 -18.97 -0.57
C LEU A 158 1.31 -18.07 0.67
N ALA A 159 1.39 -18.71 1.83
CA ALA A 159 1.56 -17.99 3.10
C ALA A 159 2.39 -18.86 4.04
N VAL A 160 3.15 -18.20 4.90
CA VAL A 160 4.03 -18.86 5.86
C VAL A 160 3.77 -18.31 7.25
N GLY A 161 3.60 -19.21 8.22
CA GLY A 161 3.43 -18.80 9.60
C GLY A 161 4.42 -19.48 10.54
N LEU A 162 5.31 -18.68 11.14
CA LEU A 162 6.32 -19.19 12.07
C LEU A 162 5.91 -18.85 13.50
N SER A 163 5.64 -19.89 14.29
CA SER A 163 5.41 -19.77 15.73
C SER A 163 4.18 -18.90 16.04
N GLY A 164 3.13 -19.08 15.25
CA GLY A 164 1.92 -18.29 15.42
C GLY A 164 0.67 -19.12 15.66
N TRP A 165 -0.48 -18.58 15.28
CA TRP A 165 -1.77 -19.25 15.43
C TRP A 165 -2.71 -18.72 14.36
N LEU A 166 -3.85 -19.40 14.21
CA LEU A 166 -4.84 -19.00 13.23
C LEU A 166 -5.95 -18.20 13.90
N PRO A 167 -6.07 -16.90 13.63
CA PRO A 167 -7.18 -16.14 14.18
C PRO A 167 -8.49 -16.42 13.44
N CYS A 168 -9.59 -16.17 14.14
CA CYS A 168 -10.94 -16.33 13.58
C CYS A 168 -11.16 -17.74 13.04
N ALA A 169 -10.62 -18.74 13.74
CA ALA A 169 -10.92 -20.13 13.38
C ALA A 169 -12.39 -20.45 13.58
N ARG A 170 -13.06 -19.72 14.48
CA ARG A 170 -14.46 -20.00 14.79
C ARG A 170 -15.35 -19.80 13.57
N THR A 171 -15.04 -18.79 12.75
CA THR A 171 -15.85 -18.45 11.59
C THR A 171 -15.33 -19.03 10.29
N LEU A 172 -14.25 -19.82 10.35
CA LEU A 172 -13.61 -20.25 9.11
C LEU A 172 -14.51 -21.18 8.29
N LYS A 173 -15.25 -22.07 8.95
CA LYS A 173 -16.13 -22.98 8.23
C LYS A 173 -17.21 -22.21 7.47
N ASN A 174 -17.87 -21.27 8.14
CA ASN A 174 -18.93 -20.50 7.50
C ASN A 174 -18.40 -19.69 6.33
N ARG A 175 -17.16 -19.19 6.43
CA ARG A 175 -16.61 -18.36 5.36
C ARG A 175 -16.26 -19.21 4.14
N ILE A 176 -15.65 -20.38 4.37
CA ILE A 176 -15.27 -21.23 3.25
C ILE A 176 -16.49 -21.85 2.58
N GLU A 177 -17.50 -22.21 3.38
CA GLU A 177 -18.71 -22.82 2.83
C GLU A 177 -19.59 -21.84 2.08
N ALA A 178 -19.22 -20.56 2.04
CA ALA A 178 -20.03 -19.57 1.34
C ALA A 178 -19.95 -19.70 -0.18
N SER A 179 -19.00 -20.48 -0.71
CA SER A 179 -18.84 -20.59 -2.15
C SER A 179 -18.05 -21.82 -2.50
N PRO A 180 -18.40 -22.54 -3.59
CA PRO A 180 -17.55 -23.65 -4.03
C PRO A 180 -16.18 -23.18 -4.52
N GLU A 181 -16.07 -21.94 -5.01
CA GLU A 181 -14.76 -21.42 -5.41
C GLU A 181 -13.90 -21.05 -4.21
N ALA A 182 -14.52 -20.77 -3.05
CA ALA A 182 -13.74 -20.59 -1.84
C ALA A 182 -13.02 -21.87 -1.46
N ALA A 183 -13.73 -23.01 -1.49
CA ALA A 183 -13.11 -24.29 -1.19
C ALA A 183 -12.04 -24.64 -2.22
N GLN A 184 -12.23 -24.23 -3.47
CA GLN A 184 -11.20 -24.49 -4.48
C GLN A 184 -9.93 -23.71 -4.18
N ARG A 185 -10.05 -22.43 -3.81
CA ARG A 185 -8.87 -21.65 -3.46
C ARG A 185 -8.22 -22.18 -2.19
N ALA A 186 -9.03 -22.60 -1.22
CA ALA A 186 -8.47 -23.13 0.03
C ALA A 186 -7.66 -24.40 -0.22
N SER A 187 -8.12 -25.25 -1.15
CA SER A 187 -7.48 -26.54 -1.36
C SER A 187 -6.14 -26.42 -2.08
N THR A 188 -5.90 -25.33 -2.79
CA THR A 188 -4.71 -25.22 -3.62
C THR A 188 -3.60 -24.35 -3.01
N ILE A 189 -3.94 -23.41 -2.13
CA ILE A 189 -2.94 -22.47 -1.63
C ILE A 189 -1.95 -23.19 -0.71
N PRO A 190 -0.66 -23.17 -1.02
CA PRO A 190 0.32 -23.78 -0.11
C PRO A 190 0.48 -22.95 1.16
N LEU A 191 0.42 -23.62 2.30
CA LEU A 191 0.60 -23.00 3.61
C LEU A 191 1.68 -23.74 4.37
N LEU A 192 2.59 -23.00 4.98
CA LEU A 192 3.67 -23.57 5.78
C LEU A 192 3.49 -23.07 7.22
N LEU A 193 3.40 -24.01 8.16
CA LEU A 193 3.33 -23.70 9.58
C LEU A 193 4.56 -24.32 10.24
N CYS A 194 5.33 -23.51 10.95
CA CYS A 194 6.46 -23.97 11.74
C CYS A 194 6.26 -23.55 13.18
N HIS A 195 6.61 -24.45 14.11
CA HIS A 195 6.43 -24.18 15.53
C HIS A 195 7.41 -25.01 16.33
N GLY A 196 7.91 -24.44 17.42
CA GLY A 196 8.78 -25.15 18.34
C GLY A 196 8.00 -25.65 19.53
N LYS A 197 8.30 -26.89 19.95
CA LYS A 197 7.56 -27.48 21.06
C LYS A 197 7.93 -26.86 22.40
N ALA A 198 9.07 -26.19 22.49
CA ALA A 198 9.48 -25.51 23.71
C ALA A 198 9.03 -24.05 23.75
N ASP A 199 8.15 -23.64 22.84
CA ASP A 199 7.69 -22.26 22.79
C ASP A 199 6.83 -21.95 24.01
N ASP A 200 7.22 -20.92 24.76
CA ASP A 200 6.50 -20.52 25.98
C ASP A 200 5.75 -19.21 25.82
N VAL A 201 5.71 -18.65 24.61
CA VAL A 201 4.93 -17.45 24.33
C VAL A 201 3.66 -17.86 23.61
N VAL A 202 3.82 -18.51 22.46
CA VAL A 202 2.72 -19.14 21.74
C VAL A 202 2.90 -20.64 21.88
N LEU A 203 2.08 -21.27 22.72
CA LEU A 203 2.25 -22.68 23.03
C LEU A 203 2.12 -23.54 21.78
N TYR A 204 2.89 -24.62 21.75
CA TYR A 204 2.91 -25.52 20.59
C TYR A 204 1.53 -26.03 20.23
N LYS A 205 0.64 -26.20 21.21
CA LYS A 205 -0.69 -26.72 20.91
C LYS A 205 -1.46 -25.79 19.98
N HIS A 206 -1.21 -24.48 20.05
CA HIS A 206 -1.85 -23.56 19.12
C HIS A 206 -1.37 -23.78 17.69
N GLY A 207 -0.12 -24.19 17.52
CA GLY A 207 0.35 -24.56 16.20
C GLY A 207 -0.35 -25.78 15.66
N GLN A 208 -0.61 -26.78 16.52
CA GLN A 208 -1.27 -27.99 16.07
C GLN A 208 -2.73 -27.75 15.73
N ARG A 209 -3.42 -26.96 16.57
CA ARG A 209 -4.84 -26.70 16.33
C ARG A 209 -5.04 -25.80 15.12
N SER A 210 -4.13 -24.85 14.88
CA SER A 210 -4.22 -24.05 13.67
C SER A 210 -4.07 -24.91 12.42
N THR A 211 -3.12 -25.85 12.43
CA THR A 211 -2.99 -26.79 11.32
C THR A 211 -4.26 -27.65 11.19
N ASP A 212 -4.78 -28.14 12.31
CA ASP A 212 -5.98 -28.97 12.26
C ASP A 212 -7.19 -28.19 11.78
N ALA A 213 -7.35 -26.94 12.26
CA ALA A 213 -8.47 -26.12 11.82
C ALA A 213 -8.39 -25.84 10.32
N LEU A 214 -7.19 -25.63 9.80
CA LEU A 214 -7.03 -25.38 8.37
C LEU A 214 -7.36 -26.63 7.55
N LYS A 215 -6.79 -27.78 7.93
CA LYS A 215 -7.03 -28.99 7.17
C LYS A 215 -8.50 -29.40 7.22
N ALA A 216 -9.14 -29.23 8.39
CA ALA A 216 -10.53 -29.61 8.54
C ALA A 216 -11.48 -28.77 7.68
N ASN A 217 -11.04 -27.60 7.22
CA ASN A 217 -11.90 -26.68 6.49
C ASN A 217 -11.49 -26.54 5.03
N GLY A 218 -10.84 -27.57 4.48
CA GLY A 218 -10.59 -27.63 3.06
C GLY A 218 -9.20 -27.21 2.60
N PHE A 219 -8.35 -26.71 3.50
CA PHE A 219 -7.00 -26.33 3.14
C PHE A 219 -6.15 -27.59 3.08
N SER A 220 -6.15 -28.23 1.92
CA SER A 220 -5.53 -29.54 1.73
C SER A 220 -4.07 -29.46 1.28
N ASN A 221 -3.46 -28.29 1.35
CA ASN A 221 -2.04 -28.13 1.02
C ASN A 221 -1.31 -27.45 2.16
N VAL A 222 -1.50 -27.96 3.37
CA VAL A 222 -0.92 -27.38 4.59
C VAL A 222 0.21 -28.28 5.06
N LEU A 223 1.38 -27.69 5.30
CA LEU A 223 2.53 -28.40 5.84
C LEU A 223 2.88 -27.84 7.21
N PHE A 224 2.98 -28.72 8.20
CA PHE A 224 3.29 -28.34 9.58
C PHE A 224 4.61 -28.99 9.96
N LYS A 225 5.62 -28.17 10.23
CA LYS A 225 6.95 -28.63 10.61
C LYS A 225 7.18 -28.30 12.08
N SER A 226 7.63 -29.30 12.84
CA SER A 226 7.86 -29.16 14.28
C SER A 226 9.35 -29.28 14.58
N TYR A 227 9.78 -28.55 15.61
CA TYR A 227 11.16 -28.59 16.10
C TYR A 227 11.10 -28.72 17.61
N ASN A 228 11.69 -29.80 18.13
CA ASN A 228 11.44 -30.21 19.51
C ASN A 228 12.00 -29.24 20.53
N SER A 229 13.21 -28.71 20.30
CA SER A 229 13.87 -27.85 21.27
C SER A 229 13.74 -26.38 20.93
N LEU A 230 12.98 -26.04 19.89
CA LEU A 230 12.85 -24.66 19.46
C LEU A 230 11.89 -23.90 20.37
N GLY A 231 12.29 -22.71 20.78
CA GLY A 231 11.46 -21.81 21.55
C GLY A 231 10.77 -20.78 20.67
N HIS A 232 10.51 -19.61 21.25
CA HIS A 232 9.84 -18.53 20.51
C HIS A 232 10.87 -17.66 19.79
N TYR A 233 11.45 -18.26 18.76
CA TYR A 233 12.46 -17.61 17.91
C TYR A 233 12.64 -18.50 16.68
N THR A 234 13.60 -18.16 15.83
CA THR A 234 13.93 -18.95 14.66
C THR A 234 15.31 -19.58 14.82
N VAL A 235 15.52 -20.66 14.07
CA VAL A 235 16.82 -21.34 14.04
C VAL A 235 17.17 -21.62 12.59
N PRO A 236 18.45 -21.76 12.24
CA PRO A 236 18.82 -21.92 10.82
C PRO A 236 18.24 -23.17 10.19
N GLU A 237 18.02 -24.24 10.97
CA GLU A 237 17.38 -25.43 10.40
C GLU A 237 15.94 -25.15 10.02
N GLU A 238 15.25 -24.33 10.80
CA GLU A 238 13.88 -23.94 10.46
C GLU A 238 13.86 -23.06 9.21
N MET A 239 14.72 -22.03 9.18
CA MET A 239 14.75 -21.14 8.03
C MET A 239 15.19 -21.86 6.76
N ASP A 240 16.04 -22.87 6.89
CA ASP A 240 16.45 -23.63 5.71
C ASP A 240 15.25 -24.37 5.11
N GLU A 241 14.38 -24.92 5.97
CA GLU A 241 13.14 -25.54 5.48
C GLU A 241 12.23 -24.50 4.83
N VAL A 242 12.18 -23.28 5.39
CA VAL A 242 11.38 -22.23 4.79
C VAL A 242 11.89 -21.91 3.39
N CYS A 243 13.21 -21.82 3.23
CA CYS A 243 13.79 -21.52 1.92
C CYS A 243 13.45 -22.59 0.90
N LYS A 244 13.64 -23.87 1.28
CA LYS A 244 13.32 -24.95 0.36
C LYS A 244 11.84 -24.97 0.00
N TRP A 245 10.98 -24.74 1.00
CA TRP A 245 9.54 -24.75 0.75
C TRP A 245 9.12 -23.58 -0.14
N LEU A 246 9.74 -22.41 0.05
CA LEU A 246 9.42 -21.26 -0.78
C LEU A 246 9.93 -21.46 -2.21
N THR A 247 11.14 -22.02 -2.36
CA THR A 247 11.67 -22.26 -3.69
C THR A 247 10.79 -23.22 -4.48
N ALA A 248 10.32 -24.29 -3.83
CA ALA A 248 9.50 -25.28 -4.53
C ALA A 248 8.15 -24.69 -4.93
N ASN A 249 7.48 -24.01 -4.00
CA ASN A 249 6.13 -23.54 -4.25
C ASN A 249 6.07 -22.21 -4.99
N LEU A 250 7.20 -21.64 -5.37
CA LEU A 250 7.25 -20.46 -6.22
C LEU A 250 7.86 -20.74 -7.59
N GLY A 251 8.27 -21.99 -7.85
CA GLY A 251 8.88 -22.35 -9.12
C GLY A 251 10.36 -22.08 -9.16
N GLU B 20 -13.22 -0.17 0.61
CA GLU B 20 -12.20 0.78 0.16
C GLU B 20 -11.28 0.17 -0.90
N TYR B 21 -11.26 0.80 -2.07
CA TYR B 21 -10.40 0.44 -3.21
C TYR B 21 -10.89 -0.89 -3.80
N GLY B 22 -10.73 -1.13 -5.09
CA GLY B 22 -10.01 -0.25 -6.01
C GLY B 22 -9.00 -1.11 -6.75
N ARG B 23 -9.35 -1.55 -7.95
CA ARG B 23 -8.49 -2.44 -8.73
C ARG B 23 -7.29 -1.68 -9.25
N THR B 24 -6.09 -2.10 -8.85
CA THR B 24 -4.86 -1.46 -9.29
C THR B 24 -4.31 -2.14 -10.53
N HIS B 25 -3.84 -1.33 -11.48
CA HIS B 25 -3.11 -1.81 -12.64
C HIS B 25 -1.70 -1.27 -12.59
N VAL B 26 -0.71 -2.15 -12.74
CA VAL B 26 0.70 -1.79 -12.66
C VAL B 26 1.30 -1.92 -14.05
N VAL B 27 2.00 -0.88 -14.48
CA VAL B 27 2.70 -0.88 -15.76
C VAL B 27 4.17 -1.16 -15.50
N ARG B 28 4.64 -2.28 -16.04
CA ARG B 28 6.03 -2.68 -15.86
C ARG B 28 6.95 -1.73 -16.63
N PRO B 29 8.07 -1.30 -16.03
CA PRO B 29 9.04 -0.50 -16.77
C PRO B 29 9.63 -1.29 -17.93
N LYS B 30 9.96 -0.58 -19.01
CA LYS B 30 10.47 -1.24 -20.21
C LYS B 30 11.88 -1.76 -20.00
N GLY B 31 12.74 -0.96 -19.37
CA GLY B 31 14.12 -1.34 -19.12
C GLY B 31 14.45 -1.33 -17.64
N THR B 32 15.62 -0.80 -17.29
CA THR B 32 16.07 -0.81 -15.91
C THR B 32 15.20 0.11 -15.06
N HIS B 33 14.54 -0.47 -14.05
CA HIS B 33 13.65 0.27 -13.18
C HIS B 33 14.44 1.30 -12.38
N LYS B 34 14.12 2.59 -12.60
CA LYS B 34 14.76 3.67 -11.86
C LYS B 34 13.79 4.56 -11.11
N ALA B 35 12.50 4.55 -11.44
CA ALA B 35 11.54 5.41 -10.77
C ALA B 35 10.18 4.72 -10.76
N THR B 36 9.40 5.00 -9.72
CA THR B 36 8.02 4.55 -9.61
C THR B 36 7.12 5.75 -9.41
N ILE B 37 6.09 5.86 -10.23
CA ILE B 37 5.13 6.96 -10.14
C ILE B 37 3.75 6.37 -9.96
N VAL B 38 3.06 6.80 -8.91
CA VAL B 38 1.66 6.45 -8.70
C VAL B 38 0.83 7.50 -9.42
N TRP B 39 -0.02 7.07 -10.35
CA TRP B 39 -0.85 7.97 -11.13
C TRP B 39 -2.30 7.83 -10.71
N LEU B 40 -2.94 8.97 -10.42
CA LEU B 40 -4.29 9.01 -9.87
C LEU B 40 -5.28 9.48 -10.93
N HIS B 41 -6.33 8.70 -11.15
CA HIS B 41 -7.34 9.04 -12.13
C HIS B 41 -8.26 10.16 -11.60
N GLY B 42 -9.08 10.69 -12.49
CA GLY B 42 -10.05 11.68 -12.13
C GLY B 42 -11.32 11.07 -11.54
N LEU B 43 -12.24 11.96 -11.16
CA LEU B 43 -13.47 11.54 -10.53
C LEU B 43 -14.28 10.64 -11.45
N GLY B 44 -14.74 9.51 -10.92
CA GLY B 44 -15.54 8.58 -11.69
C GLY B 44 -14.78 7.66 -12.62
N ASP B 45 -13.46 7.79 -12.69
CA ASP B 45 -12.64 7.01 -13.60
C ASP B 45 -12.02 5.84 -12.84
N ASN B 46 -11.07 5.16 -13.46
CA ASN B 46 -10.36 4.04 -12.84
C ASN B 46 -8.91 4.05 -13.31
N GLY B 47 -8.09 3.22 -12.66
CA GLY B 47 -6.67 3.22 -12.96
C GLY B 47 -6.30 2.53 -14.26
N THR B 48 -7.11 1.57 -14.71
CA THR B 48 -6.76 0.82 -15.91
C THR B 48 -6.75 1.71 -17.15
N SER B 49 -7.76 2.57 -17.30
CA SER B 49 -7.80 3.46 -18.45
C SER B 49 -6.56 4.35 -18.53
N TRP B 50 -6.05 4.79 -17.38
CA TRP B 50 -4.83 5.58 -17.39
C TRP B 50 -3.58 4.74 -17.58
N SER B 51 -3.59 3.49 -17.11
CA SER B 51 -2.45 2.62 -17.32
C SER B 51 -2.20 2.36 -18.80
N GLN B 52 -3.26 2.32 -19.61
CA GLN B 52 -3.08 2.06 -21.03
C GLN B 52 -2.61 3.30 -21.79
N LEU B 53 -2.82 4.50 -21.24
CA LEU B 53 -2.22 5.69 -21.82
C LEU B 53 -0.74 5.77 -21.45
N LEU B 54 -0.43 5.53 -20.18
CA LEU B 54 0.94 5.69 -19.70
C LEU B 54 1.89 4.71 -20.37
N GLU B 55 1.43 3.50 -20.67
CA GLU B 55 2.32 2.49 -21.26
C GLU B 55 2.66 2.78 -22.72
N THR B 56 2.00 3.73 -23.36
CA THR B 56 2.38 4.15 -24.70
C THR B 56 3.40 5.28 -24.70
N LEU B 57 3.70 5.86 -23.55
CA LEU B 57 4.62 6.99 -23.51
C LEU B 57 6.05 6.49 -23.70
N PRO B 58 6.92 7.28 -24.45
CA PRO B 58 8.34 6.93 -24.62
C PRO B 58 9.16 7.23 -23.36
N LEU B 59 8.77 6.56 -22.26
CA LEU B 59 9.34 6.80 -20.93
C LEU B 59 9.89 5.49 -20.39
N PRO B 60 11.12 5.16 -20.73
CA PRO B 60 11.78 4.02 -20.09
C PRO B 60 12.08 4.31 -18.62
N ASN B 61 12.42 3.24 -17.90
CA ASN B 61 12.86 3.24 -16.50
C ASN B 61 11.75 3.53 -15.49
N ILE B 62 10.52 3.80 -15.92
CA ILE B 62 9.46 4.21 -15.02
C ILE B 62 8.44 3.09 -14.87
N LYS B 63 8.16 2.73 -13.61
CA LYS B 63 7.06 1.84 -13.25
C LYS B 63 5.85 2.68 -12.86
N TRP B 64 4.70 2.42 -13.48
CA TRP B 64 3.47 3.15 -13.21
C TRP B 64 2.55 2.32 -12.33
N ILE B 65 2.17 2.86 -11.18
CA ILE B 65 1.17 2.25 -10.30
C ILE B 65 -0.10 3.07 -10.44
N CYS B 66 -1.16 2.45 -10.97
CA CYS B 66 -2.42 3.13 -11.24
C CYS B 66 -3.53 2.53 -10.37
N PRO B 67 -3.73 3.05 -9.17
CA PRO B 67 -4.81 2.54 -8.32
C PRO B 67 -6.15 3.13 -8.75
N THR B 68 -7.22 2.55 -8.20
CA THR B 68 -8.57 3.03 -8.42
C THR B 68 -9.12 3.48 -7.08
N ALA B 69 -9.71 4.69 -7.06
CA ALA B 69 -10.22 5.25 -5.83
C ALA B 69 -11.36 4.41 -5.27
N PRO B 70 -11.64 4.52 -3.98
CA PRO B 70 -12.82 3.84 -3.43
C PRO B 70 -14.08 4.45 -4.01
N SER B 71 -15.08 3.62 -4.23
CA SER B 71 -16.38 4.11 -4.71
C SER B 71 -17.14 4.63 -3.50
N ARG B 72 -17.16 5.95 -3.35
CA ARG B 72 -17.59 6.63 -2.14
C ARG B 72 -18.71 7.62 -2.46
N PRO B 73 -19.63 7.84 -1.51
CA PRO B 73 -20.66 8.85 -1.71
C PRO B 73 -20.05 10.23 -1.87
N VAL B 74 -20.43 10.91 -2.96
CA VAL B 74 -19.88 12.21 -3.31
C VAL B 74 -20.96 13.26 -3.08
N SER B 75 -20.66 14.24 -2.22
CA SER B 75 -21.63 15.28 -1.92
C SER B 75 -21.95 16.12 -3.15
N LEU B 76 -21.00 16.26 -4.07
CA LEU B 76 -21.25 16.98 -5.30
C LEU B 76 -22.36 16.34 -6.12
N PHE B 77 -22.51 15.02 -6.02
CA PHE B 77 -23.55 14.29 -6.72
C PHE B 77 -24.73 13.95 -5.84
N GLY B 78 -24.96 14.73 -4.78
CA GLY B 78 -26.04 14.44 -3.85
C GLY B 78 -25.89 13.11 -3.15
N GLY B 79 -24.65 12.66 -2.93
CA GLY B 79 -24.41 11.42 -2.24
C GLY B 79 -24.33 10.19 -3.11
N PHE B 80 -24.37 10.33 -4.42
CA PHE B 80 -24.24 9.18 -5.31
C PHE B 80 -22.82 8.63 -5.23
N PRO B 81 -22.64 7.32 -5.09
CA PRO B 81 -21.29 6.76 -4.93
C PRO B 81 -20.58 6.56 -6.27
N CYS B 82 -19.33 7.01 -6.33
CA CYS B 82 -18.45 6.74 -7.46
C CYS B 82 -17.02 6.85 -6.98
N THR B 83 -16.09 6.46 -7.84
CA THR B 83 -14.67 6.49 -7.49
C THR B 83 -14.22 7.92 -7.24
N ALA B 84 -13.73 8.18 -6.03
CA ALA B 84 -13.31 9.51 -5.62
C ALA B 84 -12.18 9.39 -4.61
N TRP B 85 -11.15 10.23 -4.77
CA TRP B 85 -10.06 10.24 -3.81
C TRP B 85 -10.43 11.00 -2.54
N PHE B 86 -11.39 11.92 -2.61
CA PHE B 86 -11.91 12.59 -1.44
C PHE B 86 -13.26 13.19 -1.80
N ASP B 87 -13.98 13.64 -0.78
CA ASP B 87 -15.32 14.19 -0.99
C ASP B 87 -15.24 15.66 -1.42
N VAL B 88 -16.13 16.02 -2.35
CA VAL B 88 -16.26 17.39 -2.83
C VAL B 88 -17.74 17.75 -2.81
N ALA B 89 -18.05 18.95 -2.35
CA ALA B 89 -19.42 19.48 -2.43
C ALA B 89 -19.55 20.57 -3.47
N ASP B 90 -18.48 21.30 -3.73
CA ASP B 90 -18.37 22.26 -4.80
C ASP B 90 -16.88 22.40 -5.09
N LEU B 91 -16.53 22.79 -6.31
CA LEU B 91 -15.15 23.15 -6.59
C LEU B 91 -15.12 24.66 -6.82
N SER B 92 -15.03 25.37 -5.71
CA SER B 92 -14.71 26.77 -5.69
C SER B 92 -14.04 27.03 -4.35
N GLU B 93 -12.96 27.82 -4.37
CA GLU B 93 -12.08 27.87 -3.22
C GLU B 93 -12.70 28.70 -2.10
N ASP B 94 -13.83 28.20 -1.62
CA ASP B 94 -14.62 28.64 -0.48
C ASP B 94 -15.20 27.43 0.24
N ALA B 95 -15.31 26.33 -0.49
CA ALA B 95 -15.90 25.13 0.06
C ALA B 95 -14.93 24.54 1.09
N PRO B 96 -15.43 23.77 2.04
CA PRO B 96 -14.52 23.12 2.98
C PRO B 96 -13.72 22.05 2.26
N ASP B 97 -12.50 21.83 2.74
CA ASP B 97 -11.65 20.79 2.22
C ASP B 97 -11.89 19.50 3.00
N ASP B 98 -12.07 18.39 2.29
CA ASP B 98 -12.21 17.08 2.92
C ASP B 98 -10.81 16.59 3.30
N THR B 99 -10.25 17.26 4.32
CA THR B 99 -8.87 16.98 4.72
C THR B 99 -8.70 15.52 5.15
N GLU B 100 -9.68 14.99 5.88
CA GLU B 100 -9.61 13.58 6.27
C GLU B 100 -9.54 12.67 5.06
N GLY B 101 -10.38 12.93 4.05
CA GLY B 101 -10.34 12.11 2.84
C GLY B 101 -9.07 12.30 2.04
N MET B 102 -8.55 13.54 2.01
CA MET B 102 -7.30 13.80 1.31
C MET B 102 -6.13 13.12 2.00
N ASP B 103 -6.12 13.14 3.34
CA ASP B 103 -5.04 12.49 4.08
C ASP B 103 -5.06 10.98 3.86
N ALA B 104 -6.25 10.38 3.79
CA ALA B 104 -6.35 8.94 3.55
C ALA B 104 -5.80 8.59 2.17
N SER B 105 -6.17 9.35 1.15
CA SER B 105 -5.66 9.06 -0.19
C SER B 105 -4.17 9.36 -0.31
N ALA B 106 -3.70 10.42 0.35
CA ALA B 106 -2.27 10.70 0.37
C ALA B 106 -1.51 9.60 1.09
N ALA B 107 -2.09 9.07 2.18
CA ALA B 107 -1.46 7.95 2.88
C ALA B 107 -1.49 6.67 2.04
N HIS B 108 -2.52 6.50 1.21
CA HIS B 108 -2.56 5.34 0.33
C HIS B 108 -1.45 5.41 -0.71
N VAL B 109 -1.27 6.59 -1.32
CA VAL B 109 -0.17 6.78 -2.28
C VAL B 109 1.17 6.54 -1.61
N ALA B 110 1.34 7.02 -0.37
CA ALA B 110 2.59 6.83 0.34
C ALA B 110 2.86 5.35 0.62
N ASN B 111 1.82 4.60 1.00
CA ASN B 111 1.99 3.18 1.23
C ASN B 111 2.38 2.44 -0.05
N LEU B 112 1.76 2.81 -1.17
CA LEU B 112 2.14 2.18 -2.44
C LEU B 112 3.57 2.52 -2.81
N LEU B 113 3.98 3.78 -2.62
CA LEU B 113 5.35 4.18 -2.93
C LEU B 113 6.36 3.62 -1.96
N SER B 114 5.94 3.23 -0.75
CA SER B 114 6.86 2.71 0.25
C SER B 114 7.26 1.26 -0.02
N THR B 115 6.80 0.67 -1.11
CA THR B 115 7.16 -0.70 -1.46
C THR B 115 8.41 -0.77 -2.32
N GLU B 116 9.06 0.36 -2.58
CA GLU B 116 10.20 0.31 -3.48
C GLU B 116 11.51 0.34 -2.68
N PRO B 117 12.57 -0.27 -3.21
CA PRO B 117 13.88 -0.14 -2.57
C PRO B 117 14.34 1.31 -2.55
N ALA B 118 15.29 1.60 -1.66
CA ALA B 118 15.65 2.98 -1.34
C ALA B 118 16.23 3.74 -2.53
N ASP B 119 16.74 3.05 -3.54
CA ASP B 119 17.39 3.73 -4.66
C ASP B 119 16.41 4.14 -5.76
N ILE B 120 15.15 3.74 -5.68
CA ILE B 120 14.16 4.07 -6.70
C ILE B 120 13.56 5.43 -6.39
N LYS B 121 13.57 6.32 -7.39
CA LYS B 121 12.95 7.62 -7.23
C LYS B 121 11.43 7.51 -7.24
N LEU B 122 10.78 8.35 -6.46
CA LEU B 122 9.35 8.23 -6.20
C LEU B 122 8.63 9.51 -6.60
N GLY B 123 7.55 9.36 -7.37
CA GLY B 123 6.75 10.50 -7.78
C GLY B 123 5.27 10.14 -7.75
N VAL B 124 4.44 11.17 -7.88
CA VAL B 124 3.00 11.00 -7.91
C VAL B 124 2.44 11.99 -8.92
N GLY B 125 1.47 11.52 -9.73
CA GLY B 125 0.83 12.38 -10.70
C GLY B 125 -0.64 12.03 -10.79
N GLY B 126 -1.38 12.86 -11.54
CA GLY B 126 -2.80 12.60 -11.67
C GLY B 126 -3.46 13.60 -12.58
N PHE B 127 -4.76 13.37 -12.78
CA PHE B 127 -5.60 14.21 -13.63
C PHE B 127 -6.83 14.61 -12.83
N SER B 128 -7.18 15.90 -12.90
CA SER B 128 -8.36 16.48 -12.24
C SER B 128 -8.29 16.17 -10.75
N MET B 129 -9.26 15.47 -10.15
CA MET B 129 -9.18 15.16 -8.73
C MET B 129 -7.92 14.37 -8.41
N GLY B 130 -7.48 13.51 -9.32
CA GLY B 130 -6.22 12.82 -9.13
C GLY B 130 -5.04 13.76 -9.12
N ALA B 131 -5.07 14.80 -9.97
CA ALA B 131 -4.06 15.83 -9.94
C ALA B 131 -4.08 16.57 -8.61
N ALA B 132 -5.27 16.81 -8.06
CA ALA B 132 -5.39 17.47 -6.77
C ALA B 132 -4.74 16.65 -5.66
N THR B 133 -4.98 15.33 -5.65
CA THR B 133 -4.36 14.48 -4.64
C THR B 133 -2.85 14.41 -4.82
N ALA B 134 -2.36 14.48 -6.05
CA ALA B 134 -0.92 14.48 -6.28
C ALA B 134 -0.28 15.74 -5.73
N LEU B 135 -0.85 16.91 -6.04
CA LEU B 135 -0.30 18.18 -5.56
C LEU B 135 -0.41 18.28 -4.05
N TYR B 136 -1.53 17.82 -3.47
CA TYR B 136 -1.66 17.79 -2.02
C TYR B 136 -0.59 16.90 -1.39
N SER B 137 -0.28 15.78 -2.04
CA SER B 137 0.79 14.91 -1.55
C SER B 137 2.12 15.64 -1.51
N ALA B 138 2.43 16.42 -2.55
CA ALA B 138 3.70 17.14 -2.58
C ALA B 138 3.79 18.17 -1.46
N THR B 139 2.66 18.80 -1.10
CA THR B 139 2.69 19.76 0.00
C THR B 139 2.75 19.07 1.35
N CYS B 140 2.21 17.84 1.45
CA CYS B 140 2.43 17.05 2.66
C CYS B 140 3.90 16.65 2.80
N PHE B 141 4.54 16.28 1.69
CA PHE B 141 5.97 16.01 1.72
C PHE B 141 6.76 17.24 2.12
N ALA B 142 6.42 18.40 1.55
CA ALA B 142 7.11 19.62 1.93
C ALA B 142 6.89 19.93 3.41
N HIS B 143 5.63 19.95 3.85
CA HIS B 143 5.33 20.19 5.26
C HIS B 143 5.99 19.15 6.15
N GLY B 144 6.14 17.92 5.67
CA GLY B 144 6.65 16.82 6.46
C GLY B 144 5.60 16.06 7.24
N LYS B 145 4.33 16.48 7.18
CA LYS B 145 3.26 15.80 7.88
C LYS B 145 1.99 15.83 7.03
N TYR B 146 1.04 14.96 7.39
CA TYR B 146 -0.30 15.04 6.86
C TYR B 146 -1.08 16.15 7.57
N GLY B 147 -2.32 16.38 7.12
CA GLY B 147 -3.16 17.34 7.80
C GLY B 147 -3.54 16.93 9.20
N ASN B 148 -3.55 15.62 9.48
CA ASN B 148 -3.87 15.13 10.81
C ASN B 148 -2.69 15.15 11.77
N GLY B 149 -1.50 15.52 11.29
CA GLY B 149 -0.33 15.62 12.13
C GLY B 149 0.62 14.45 12.04
N ASN B 150 0.17 13.33 11.49
CA ASN B 150 1.07 12.19 11.30
C ASN B 150 2.21 12.57 10.36
N PRO B 151 3.43 12.11 10.63
CA PRO B 151 4.54 12.46 9.75
C PRO B 151 4.38 11.84 8.37
N TYR B 152 4.81 12.56 7.34
CA TYR B 152 4.77 12.05 5.98
C TYR B 152 5.96 11.13 5.75
N PRO B 153 5.76 9.88 5.37
CA PRO B 153 6.83 8.87 5.47
C PRO B 153 7.74 8.71 4.26
N VAL B 154 7.46 9.34 3.13
CA VAL B 154 8.18 9.03 1.90
C VAL B 154 8.81 10.30 1.34
N ASN B 155 9.91 10.12 0.62
CA ASN B 155 10.63 11.22 -0.03
C ASN B 155 10.18 11.30 -1.49
N LEU B 156 9.42 12.34 -1.81
CA LEU B 156 8.90 12.54 -3.16
C LEU B 156 9.93 13.26 -4.02
N SER B 157 10.22 12.70 -5.19
CA SER B 157 11.14 13.34 -6.14
C SER B 157 10.46 14.34 -7.06
N LEU B 158 9.15 14.23 -7.26
CA LEU B 158 8.41 15.15 -8.13
C LEU B 158 6.91 14.86 -8.01
N ALA B 159 6.12 15.77 -8.56
CA ALA B 159 4.69 15.56 -8.69
C ALA B 159 4.20 16.29 -9.94
N VAL B 160 3.16 15.73 -10.57
CA VAL B 160 2.59 16.27 -11.80
C VAL B 160 1.09 16.42 -11.60
N GLY B 161 0.56 17.58 -11.98
CA GLY B 161 -0.87 17.79 -11.92
C GLY B 161 -1.45 18.25 -13.25
N LEU B 162 -2.29 17.42 -13.88
CA LEU B 162 -2.91 17.75 -15.14
C LEU B 162 -4.37 18.14 -14.90
N SER B 163 -4.70 19.40 -15.20
CA SER B 163 -6.08 19.88 -15.19
C SER B 163 -6.73 19.74 -13.81
N GLY B 164 -5.98 20.07 -12.77
CA GLY B 164 -6.49 19.93 -11.43
C GLY B 164 -6.48 21.23 -10.64
N TRP B 165 -6.37 21.10 -9.32
CA TRP B 165 -6.33 22.24 -8.41
C TRP B 165 -5.55 21.84 -7.16
N LEU B 166 -5.19 22.83 -6.36
CA LEU B 166 -4.45 22.59 -5.13
C LEU B 166 -5.39 22.61 -3.94
N PRO B 167 -5.65 21.47 -3.30
CA PRO B 167 -6.48 21.47 -2.09
C PRO B 167 -5.70 22.01 -0.89
N CYS B 168 -6.46 22.48 0.11
CA CYS B 168 -5.89 23.00 1.35
C CYS B 168 -4.89 24.12 1.10
N ALA B 169 -5.18 24.96 0.11
CA ALA B 169 -4.32 26.14 -0.09
C ALA B 169 -4.40 27.10 1.09
N ARG B 170 -5.51 27.08 1.83
CA ARG B 170 -5.66 28.01 2.94
C ARG B 170 -4.60 27.79 4.02
N THR B 171 -4.21 26.54 4.26
CA THR B 171 -3.26 26.22 5.31
C THR B 171 -1.82 26.09 4.79
N LEU B 172 -1.59 26.31 3.50
CA LEU B 172 -0.27 26.07 2.93
C LEU B 172 0.77 27.03 3.49
N LYS B 173 0.38 28.29 3.70
CA LYS B 173 1.31 29.28 4.23
C LYS B 173 1.84 28.87 5.60
N ASN B 174 0.94 28.51 6.51
CA ASN B 174 1.35 28.11 7.85
C ASN B 174 2.17 26.82 7.84
N ARG B 175 1.85 25.89 6.92
CA ARG B 175 2.54 24.61 6.91
C ARG B 175 3.98 24.73 6.42
N ILE B 176 4.22 25.53 5.38
CA ILE B 176 5.58 25.68 4.89
C ILE B 176 6.42 26.50 5.86
N GLU B 177 5.81 27.52 6.48
CA GLU B 177 6.53 28.34 7.45
C GLU B 177 6.77 27.63 8.78
N ALA B 178 6.24 26.42 8.96
CA ALA B 178 6.38 25.71 10.22
C ALA B 178 7.79 25.17 10.44
N SER B 179 8.65 25.15 9.42
CA SER B 179 9.95 24.54 9.57
C SER B 179 10.90 25.02 8.50
N PRO B 180 12.18 25.21 8.82
CA PRO B 180 13.15 25.52 7.75
C PRO B 180 13.33 24.39 6.77
N GLU B 181 13.15 23.13 7.18
CA GLU B 181 13.24 22.04 6.21
C GLU B 181 11.99 21.94 5.35
N ALA B 182 10.86 22.45 5.85
CA ALA B 182 9.67 22.54 5.01
C ALA B 182 9.91 23.47 3.82
N ALA B 183 10.47 24.65 4.09
CA ALA B 183 10.83 25.56 2.99
C ALA B 183 11.93 24.98 2.13
N GLN B 184 12.85 24.22 2.73
CA GLN B 184 13.91 23.59 1.95
C GLN B 184 13.34 22.50 1.02
N ARG B 185 12.45 21.66 1.54
CA ARG B 185 11.85 20.63 0.71
C ARG B 185 10.96 21.24 -0.37
N ALA B 186 10.21 22.28 -0.04
CA ALA B 186 9.35 22.91 -1.02
C ALA B 186 10.14 23.49 -2.18
N SER B 187 11.31 24.07 -1.88
CA SER B 187 12.07 24.78 -2.91
C SER B 187 12.71 23.85 -3.93
N THR B 188 12.91 22.58 -3.59
CA THR B 188 13.65 21.68 -4.46
C THR B 188 12.77 20.71 -5.23
N ILE B 189 11.57 20.39 -4.76
CA ILE B 189 10.75 19.39 -5.43
C ILE B 189 10.21 19.95 -6.74
N PRO B 190 10.50 19.30 -7.88
CA PRO B 190 9.93 19.76 -9.15
C PRO B 190 8.44 19.44 -9.23
N LEU B 191 7.65 20.42 -9.63
CA LEU B 191 6.21 20.27 -9.80
C LEU B 191 5.82 20.71 -11.21
N LEU B 192 4.99 19.90 -11.87
CA LEU B 192 4.48 20.21 -13.20
C LEU B 192 2.96 20.33 -13.12
N LEU B 193 2.44 21.49 -13.53
CA LEU B 193 1.01 21.72 -13.65
C LEU B 193 0.68 22.05 -15.09
N CYS B 194 -0.26 21.31 -15.66
CA CYS B 194 -0.77 21.59 -17.00
C CYS B 194 -2.27 21.83 -16.92
N HIS B 195 -2.76 22.77 -17.72
CA HIS B 195 -4.17 23.11 -17.66
C HIS B 195 -4.59 23.73 -18.99
N GLY B 196 -5.81 23.40 -19.42
CA GLY B 196 -6.38 23.97 -20.63
C GLY B 196 -7.32 25.11 -20.31
N LYS B 197 -7.22 26.19 -21.11
CA LYS B 197 -8.04 27.36 -20.87
C LYS B 197 -9.50 27.14 -21.23
N ALA B 198 -9.80 26.13 -22.05
CA ALA B 198 -11.16 25.80 -22.41
C ALA B 198 -11.79 24.77 -21.48
N ASP B 199 -11.15 24.47 -20.35
CA ASP B 199 -11.67 23.49 -19.41
C ASP B 199 -12.96 24.01 -18.78
N ASP B 200 -14.03 23.23 -18.90
CA ASP B 200 -15.33 23.60 -18.36
C ASP B 200 -15.72 22.74 -17.15
N VAL B 201 -14.81 21.89 -16.67
CA VAL B 201 -15.05 21.11 -15.47
C VAL B 201 -14.25 21.74 -14.33
N VAL B 202 -12.94 21.84 -14.50
CA VAL B 202 -12.06 22.56 -13.58
C VAL B 202 -11.60 23.81 -14.31
N LEU B 203 -12.15 24.96 -13.94
CA LEU B 203 -11.89 26.20 -14.67
C LEU B 203 -10.40 26.54 -14.63
N TYR B 204 -9.93 27.13 -15.72
CA TYR B 204 -8.51 27.45 -15.86
C TYR B 204 -7.99 28.30 -14.72
N LYS B 205 -8.85 29.13 -14.13
CA LYS B 205 -8.40 29.99 -13.03
C LYS B 205 -7.90 29.17 -11.84
N HIS B 206 -8.45 27.96 -11.65
CA HIS B 206 -7.96 27.12 -10.55
C HIS B 206 -6.54 26.63 -10.80
N GLY B 207 -6.16 26.41 -12.05
CA GLY B 207 -4.79 26.02 -12.35
C GLY B 207 -3.79 27.13 -12.07
N GLN B 208 -4.12 28.36 -12.43
CA GLN B 208 -3.20 29.46 -12.21
C GLN B 208 -3.12 29.83 -10.73
N ARG B 209 -4.25 29.76 -10.01
CA ARG B 209 -4.21 30.06 -8.58
C ARG B 209 -3.46 28.99 -7.80
N SER B 210 -3.57 27.72 -8.22
CA SER B 210 -2.78 26.66 -7.60
C SER B 210 -1.29 26.89 -7.83
N THR B 211 -0.91 27.28 -9.05
CA THR B 211 0.48 27.65 -9.32
C THR B 211 0.92 28.83 -8.48
N ASP B 212 0.06 29.85 -8.36
CA ASP B 212 0.42 31.03 -7.59
C ASP B 212 0.59 30.69 -6.12
N ALA B 213 -0.32 29.88 -5.56
CA ALA B 213 -0.21 29.50 -4.16
C ALA B 213 1.06 28.70 -3.90
N LEU B 214 1.44 27.83 -4.83
CA LEU B 214 2.66 27.05 -4.68
C LEU B 214 3.90 27.95 -4.74
N LYS B 215 3.97 28.81 -5.77
CA LYS B 215 5.12 29.68 -5.93
C LYS B 215 5.22 30.68 -4.77
N ALA B 216 4.09 31.20 -4.31
CA ALA B 216 4.08 32.18 -3.23
C ALA B 216 4.57 31.59 -1.92
N ASN B 217 4.52 30.26 -1.76
CA ASN B 217 4.85 29.62 -0.50
C ASN B 217 6.12 28.79 -0.58
N GLY B 218 7.05 29.16 -1.46
CA GLY B 218 8.38 28.60 -1.44
C GLY B 218 8.65 27.49 -2.44
N PHE B 219 7.65 27.05 -3.18
CA PHE B 219 7.85 26.01 -4.21
C PHE B 219 8.42 26.72 -5.45
N SER B 220 9.74 26.84 -5.49
CA SER B 220 10.42 27.62 -6.51
C SER B 220 10.81 26.80 -7.73
N ASN B 221 10.31 25.57 -7.85
CA ASN B 221 10.56 24.73 -9.02
C ASN B 221 9.25 24.26 -9.61
N VAL B 222 8.33 25.21 -9.82
CA VAL B 222 7.00 24.92 -10.33
C VAL B 222 6.92 25.39 -11.78
N LEU B 223 6.50 24.51 -12.67
CA LEU B 223 6.30 24.86 -14.06
C LEU B 223 4.83 24.69 -14.40
N PHE B 224 4.24 25.75 -14.94
CA PHE B 224 2.82 25.79 -15.29
C PHE B 224 2.69 25.97 -16.80
N LYS B 225 2.12 24.98 -17.46
CA LYS B 225 1.93 25.01 -18.90
C LYS B 225 0.45 25.18 -19.21
N SER B 226 0.14 26.14 -20.08
CA SER B 226 -1.23 26.45 -20.45
C SER B 226 -1.44 26.10 -21.92
N TYR B 227 -2.67 25.66 -22.23
CA TYR B 227 -3.05 25.32 -23.59
C TYR B 227 -4.38 25.97 -23.90
N ASN B 228 -4.41 26.78 -24.96
CA ASN B 228 -5.57 27.64 -25.21
C ASN B 228 -6.79 26.82 -25.59
N SER B 229 -6.62 25.78 -26.40
CA SER B 229 -7.74 25.01 -26.92
C SER B 229 -8.00 23.74 -26.12
N LEU B 230 -7.25 23.47 -25.06
CA LEU B 230 -7.40 22.23 -24.32
C LEU B 230 -8.60 22.32 -23.38
N GLY B 231 -9.43 21.29 -23.40
CA GLY B 231 -10.54 21.14 -22.48
C GLY B 231 -10.19 20.26 -21.30
N HIS B 232 -11.20 19.57 -20.76
CA HIS B 232 -10.97 18.69 -19.63
C HIS B 232 -10.60 17.28 -20.13
N TYR B 233 -9.39 17.19 -20.66
CA TYR B 233 -8.82 15.95 -21.17
C TYR B 233 -7.32 16.21 -21.39
N THR B 234 -6.62 15.23 -21.96
CA THR B 234 -5.21 15.38 -22.30
C THR B 234 -5.04 15.38 -23.82
N VAL B 235 -3.91 15.93 -24.25
CA VAL B 235 -3.56 15.95 -25.68
C VAL B 235 -2.10 15.51 -25.82
N PRO B 236 -1.70 14.96 -26.98
CA PRO B 236 -0.34 14.39 -27.09
C PRO B 236 0.79 15.40 -26.90
N GLU B 237 0.60 16.66 -27.27
CA GLU B 237 1.65 17.65 -27.04
C GLU B 237 1.81 17.96 -25.56
N GLU B 238 0.70 17.96 -24.82
CA GLU B 238 0.79 18.05 -23.36
C GLU B 238 1.53 16.85 -22.78
N MET B 239 1.14 15.64 -23.19
CA MET B 239 1.82 14.45 -22.71
C MET B 239 3.28 14.41 -23.15
N ASP B 240 3.59 14.99 -24.31
CA ASP B 240 4.97 15.05 -24.76
C ASP B 240 5.81 15.94 -23.83
N GLU B 241 5.25 17.07 -23.40
CA GLU B 241 5.98 17.92 -22.46
C GLU B 241 6.15 17.22 -21.11
N VAL B 242 5.15 16.45 -20.69
CA VAL B 242 5.26 15.69 -19.45
C VAL B 242 6.40 14.68 -19.54
N CYS B 243 6.51 13.98 -20.66
CA CYS B 243 7.55 12.97 -20.82
C CYS B 243 8.94 13.59 -20.74
N LYS B 244 9.15 14.69 -21.48
CA LYS B 244 10.44 15.37 -21.44
C LYS B 244 10.72 15.94 -20.05
N TRP B 245 9.68 16.48 -19.38
CA TRP B 245 9.86 17.01 -18.02
C TRP B 245 10.21 15.89 -17.04
N LEU B 246 9.59 14.71 -17.20
CA LEU B 246 9.92 13.58 -16.35
C LEU B 246 11.32 13.06 -16.64
N THR B 247 11.70 13.02 -17.91
CA THR B 247 13.04 12.57 -18.26
C THR B 247 14.11 13.48 -17.66
N ALA B 248 13.90 14.79 -17.74
CA ALA B 248 14.90 15.74 -17.23
C ALA B 248 15.01 15.67 -15.71
N ASN B 249 13.87 15.67 -15.02
CA ASN B 249 13.89 15.75 -13.56
C ASN B 249 14.08 14.39 -12.89
N LEU B 250 14.21 13.31 -13.65
CA LEU B 250 14.55 12.01 -13.08
C LEU B 250 15.91 11.50 -13.54
N GLY B 251 16.62 12.25 -14.38
CA GLY B 251 17.92 11.80 -14.89
C GLY B 251 17.79 10.91 -16.10
#